data_5TS4
#
_entry.id   5TS4
#
_cell.length_a   81.307
_cell.length_b   101.538
_cell.length_c   101.584
_cell.angle_alpha   90.00
_cell.angle_beta   90.00
_cell.angle_gamma   90.00
#
_symmetry.space_group_name_H-M   'C 2 2 21'
#
loop_
_entity.id
_entity.type
_entity.pdbx_description
1 polymer 'denovo NTF2'
2 non-polymer DI(HYDROXYETHYL)ETHER
3 water water
#
_entity_poly.entity_id   1
_entity_poly.type   'polypeptide(L)'
_entity_poly.pdbx_seq_one_letter_code
;GSHMSEEAKIAIELFKEAMKDPERFKEMCSPDTRIESNGQEYRGSEECKKFAEEMKKTHPWEVRVERYRSDGDRFEIELR
VNFNGKTFRMEIRMRKVNGEFRIEEMRLHG
;
_entity_poly.pdbx_strand_id   A,B,C,D
#
# COMPACT_ATOMS: atom_id res chain seq x y z
N MET A 4 -23.33 -3.34 16.92
CA MET A 4 -22.70 -2.26 17.67
C MET A 4 -21.73 -2.75 18.72
N SER A 5 -22.21 -2.88 19.95
CA SER A 5 -21.34 -3.33 21.02
C SER A 5 -20.81 -4.71 20.79
N GLU A 6 -21.67 -5.61 20.39
CA GLU A 6 -21.26 -6.99 20.22
C GLU A 6 -20.18 -7.24 19.20
N GLU A 7 -20.32 -6.62 18.05
CA GLU A 7 -19.34 -6.89 17.01
C GLU A 7 -18.00 -6.48 17.51
N ALA A 8 -17.91 -5.30 18.08
CA ALA A 8 -16.63 -4.84 18.54
C ALA A 8 -16.11 -5.76 19.62
N LYS A 9 -17.00 -6.17 20.52
CA LYS A 9 -16.60 -7.05 21.62
C LYS A 9 -15.89 -8.22 21.00
N ILE A 10 -16.59 -8.85 20.11
CA ILE A 10 -15.92 -9.95 19.41
C ILE A 10 -14.57 -9.48 18.88
N ALA A 11 -14.59 -8.36 18.16
CA ALA A 11 -13.38 -7.82 17.54
C ALA A 11 -12.33 -7.43 18.57
N ILE A 12 -12.78 -6.80 19.65
CA ILE A 12 -11.88 -6.48 20.75
C ILE A 12 -11.34 -7.77 21.38
N GLU A 13 -12.24 -8.69 21.70
CA GLU A 13 -11.87 -9.96 22.32
C GLU A 13 -10.92 -10.77 21.42
N LEU A 14 -11.21 -10.80 20.12
CA LEU A 14 -10.35 -11.50 19.18
C LEU A 14 -8.93 -10.97 19.21
N PHE A 15 -8.79 -9.65 19.20
CA PHE A 15 -7.47 -9.03 19.30
C PHE A 15 -6.84 -9.40 20.63
N LYS A 16 -7.61 -9.28 21.71
CA LYS A 16 -7.14 -9.63 23.04
C LYS A 16 -6.76 -11.12 23.09
N GLU A 17 -7.55 -11.95 22.43
CA GLU A 17 -7.24 -13.38 22.35
C GLU A 17 -6.05 -13.61 21.43
N ALA A 18 -5.89 -12.72 20.45
CA ALA A 18 -4.73 -12.77 19.56
C ALA A 18 -3.49 -12.28 20.29
N MET A 19 -3.68 -11.40 21.27
CA MET A 19 -2.57 -10.95 22.09
C MET A 19 -2.05 -12.10 22.93
N LYS A 20 -2.96 -12.98 23.33
CA LYS A 20 -2.60 -14.17 24.11
C LYS A 20 -1.95 -15.24 23.24
N ASP A 21 -2.39 -15.34 21.99
CA ASP A 21 -1.87 -16.36 21.09
C ASP A 21 -1.16 -15.73 19.90
N PRO A 22 0.19 -15.70 19.95
CA PRO A 22 1.06 -15.09 18.93
C PRO A 22 0.77 -15.56 17.51
N GLU A 23 0.50 -16.85 17.32
CA GLU A 23 0.26 -17.38 15.98
C GLU A 23 -1.13 -17.00 15.47
N ARG A 24 -2.08 -16.86 16.38
CA ARG A 24 -3.41 -16.38 16.02
C ARG A 24 -3.32 -14.96 15.45
N PHE A 25 -2.41 -14.17 16.00
CA PHE A 25 -2.14 -12.82 15.50
C PHE A 25 -1.62 -12.86 14.07
N LYS A 26 -0.83 -13.88 13.74
CA LYS A 26 -0.26 -14.03 12.41
C LYS A 26 -1.36 -14.21 11.35
N GLU A 27 -2.48 -14.79 11.77
CA GLU A 27 -3.59 -15.06 10.89
C GLU A 27 -4.31 -13.78 10.48
N MET A 28 -4.46 -12.87 11.45
CA MET A 28 -5.27 -11.67 11.26
C MET A 28 -4.76 -10.71 10.19
N CYS A 29 -3.51 -10.89 9.77
CA CYS A 29 -2.88 -9.89 8.92
C CYS A 29 -3.01 -10.19 7.43
N SER A 30 -3.03 -9.10 6.66
CA SER A 30 -3.16 -9.12 5.21
C SER A 30 -1.98 -8.33 4.64
N PRO A 31 -1.82 -8.29 3.31
CA PRO A 31 -0.71 -7.48 2.78
C PRO A 31 -0.91 -6.00 3.04
N ASP A 32 -2.16 -5.60 3.21
CA ASP A 32 -2.52 -4.19 3.42
C ASP A 32 -2.03 -3.68 4.77
N THR A 33 -1.86 -4.59 5.72
CA THR A 33 -1.52 -4.26 7.10
C THR A 33 -0.28 -3.39 7.24
N ARG A 34 -0.42 -2.30 8.00
CA ARG A 34 0.69 -1.42 8.29
C ARG A 34 0.83 -1.19 9.79
N ILE A 35 2.03 -1.44 10.32
CA ILE A 35 2.27 -1.33 11.75
C ILE A 35 3.41 -0.37 12.06
N GLU A 36 3.18 0.55 12.99
CA GLU A 36 4.19 1.51 13.40
C GLU A 36 4.47 1.41 14.90
N SER A 37 5.73 1.14 15.26
CA SER A 37 6.11 1.03 16.67
C SER A 37 7.43 1.73 16.94
N ASN A 38 7.35 2.80 17.73
CA ASN A 38 8.53 3.59 18.12
C ASN A 38 9.30 4.13 16.93
N GLY A 39 8.59 4.51 15.88
CA GLY A 39 9.21 5.01 14.67
C GLY A 39 9.62 3.92 13.71
N GLN A 40 9.44 2.66 14.12
CA GLN A 40 9.77 1.52 13.26
C GLN A 40 8.51 0.99 12.60
N GLU A 41 8.59 0.75 11.29
CA GLU A 41 7.40 0.40 10.52
C GLU A 41 7.43 -1.04 9.98
N TYR A 42 6.32 -1.74 10.14
CA TYR A 42 6.14 -3.09 9.62
C TYR A 42 4.92 -3.13 8.71
N ARG A 43 5.10 -3.58 7.47
CA ARG A 43 4.02 -3.58 6.50
C ARG A 43 3.97 -4.87 5.68
N GLY A 44 2.77 -5.43 5.61
CA GLY A 44 2.53 -6.64 4.84
C GLY A 44 2.19 -7.84 5.69
N SER A 45 1.84 -8.93 5.01
CA SER A 45 1.48 -10.18 5.67
C SER A 45 2.66 -10.76 6.44
N GLU A 46 3.77 -10.99 5.74
CA GLU A 46 4.97 -11.57 6.32
C GLU A 46 5.56 -10.70 7.41
N GLU A 47 5.66 -9.41 7.15
CA GLU A 47 6.22 -8.46 8.10
C GLU A 47 5.42 -8.39 9.40
N CYS A 48 4.10 -8.49 9.29
CA CYS A 48 3.26 -8.43 10.48
C CYS A 48 3.42 -9.68 11.33
N LYS A 49 3.45 -10.83 10.66
CA LYS A 49 3.70 -12.09 11.35
C LYS A 49 5.06 -12.05 12.03
N LYS A 50 6.02 -11.38 11.40
CA LYS A 50 7.35 -11.21 11.97
C LYS A 50 7.31 -10.32 13.21
N PHE A 51 6.38 -9.36 13.22
CA PHE A 51 6.20 -8.46 14.35
C PHE A 51 5.62 -9.20 15.55
N ALA A 52 4.67 -10.09 15.28
CA ALA A 52 3.96 -10.81 16.34
C ALA A 52 4.89 -11.63 17.21
N GLU A 53 5.93 -12.19 16.59
CA GLU A 53 6.90 -12.99 17.32
C GLU A 53 7.63 -12.14 18.36
N GLU A 54 7.95 -10.90 17.99
CA GLU A 54 8.63 -9.98 18.89
C GLU A 54 7.70 -9.54 20.02
N MET A 55 6.40 -9.52 19.74
CA MET A 55 5.41 -9.12 20.72
C MET A 55 5.13 -10.21 21.75
N LYS A 56 5.59 -11.42 21.44
CA LYS A 56 5.36 -12.57 22.31
C LYS A 56 6.13 -12.44 23.62
N LYS A 57 7.13 -11.57 23.64
CA LYS A 57 7.94 -11.34 24.82
C LYS A 57 7.16 -10.59 25.91
N THR A 58 5.96 -10.13 25.57
CA THR A 58 5.11 -9.43 26.52
C THR A 58 4.02 -10.35 27.06
N GLU A 62 -2.79 -7.21 31.28
CA GLU A 62 -3.83 -6.32 31.72
C GLU A 62 -4.08 -5.17 30.75
N VAL A 63 -4.80 -5.47 29.67
CA VAL A 63 -5.09 -4.49 28.62
C VAL A 63 -6.42 -3.80 28.82
N ARG A 64 -6.41 -2.46 28.77
CA ARG A 64 -7.61 -1.66 29.00
C ARG A 64 -7.98 -0.87 27.75
N VAL A 65 -9.26 -0.90 27.38
CA VAL A 65 -9.73 -0.20 26.20
C VAL A 65 -10.13 1.22 26.55
N GLU A 66 -9.29 2.18 26.21
CA GLU A 66 -9.55 3.58 26.53
C GLU A 66 -10.58 4.18 25.58
N ARG A 67 -10.52 3.77 24.33
CA ARG A 67 -11.40 4.34 23.31
C ARG A 67 -11.81 3.28 22.30
N TYR A 68 -12.96 3.47 21.70
CA TYR A 68 -13.44 2.56 20.67
C TYR A 68 -14.35 3.30 19.69
N ARG A 69 -14.29 2.93 18.41
CA ARG A 69 -15.13 3.54 17.39
C ARG A 69 -15.62 2.48 16.41
N SER A 70 -16.81 2.68 15.87
CA SER A 70 -17.47 1.64 15.07
C SER A 70 -17.98 2.13 13.73
N ASP A 71 -17.56 1.42 12.68
CA ASP A 71 -18.16 1.57 11.37
C ASP A 71 -18.44 0.16 10.90
N GLY A 72 -19.44 0.00 10.04
CA GLY A 72 -19.85 -1.31 9.58
C GLY A 72 -18.69 -2.13 9.04
N ASP A 73 -17.92 -1.53 8.14
CA ASP A 73 -16.76 -2.22 7.58
C ASP A 73 -15.59 -2.24 8.55
N ARG A 74 -15.24 -1.07 9.06
CA ARG A 74 -14.00 -0.89 9.80
C ARG A 74 -14.21 -0.54 11.28
N PHE A 75 -13.29 -1.01 12.11
CA PHE A 75 -13.31 -0.69 13.54
C PHE A 75 -12.00 -0.06 14.00
N GLU A 76 -12.10 1.11 14.63
CA GLU A 76 -10.94 1.79 15.19
C GLU A 76 -10.94 1.62 16.70
N ILE A 77 -9.85 1.08 17.24
CA ILE A 77 -9.78 0.82 18.68
C ILE A 77 -8.50 1.38 19.28
N GLU A 78 -8.62 1.99 20.46
CA GLU A 78 -7.46 2.52 21.17
C GLU A 78 -7.33 1.85 22.53
N LEU A 79 -6.15 1.28 22.78
CA LEU A 79 -5.92 0.45 23.95
C LEU A 79 -4.86 0.98 24.90
N ARG A 80 -4.89 0.48 26.13
CA ARG A 80 -3.82 0.73 27.08
C ARG A 80 -3.09 -0.57 27.39
N VAL A 81 -1.78 -0.55 27.22
CA VAL A 81 -0.96 -1.74 27.41
C VAL A 81 -0.22 -1.74 28.75
N ASN A 82 -0.58 -2.69 29.62
CA ASN A 82 0.07 -2.82 30.92
C ASN A 82 -0.20 -4.19 31.53
N LYS A 86 5.94 -1.54 32.68
CA LYS A 86 5.90 -1.30 31.24
C LYS A 86 4.51 -0.88 30.80
N THR A 87 4.37 0.37 30.39
CA THR A 87 3.08 0.91 29.97
C THR A 87 3.19 1.54 28.58
N PHE A 88 2.24 1.22 27.71
CA PHE A 88 2.22 1.79 26.36
C PHE A 88 0.78 2.00 25.88
N ARG A 89 0.62 2.88 24.90
CA ARG A 89 -0.69 3.15 24.32
C ARG A 89 -0.75 2.61 22.89
N MET A 90 -1.83 1.89 22.58
CA MET A 90 -1.94 1.22 21.29
C MET A 90 -3.23 1.55 20.55
N GLU A 91 -3.11 1.90 19.28
CA GLU A 91 -4.28 2.19 18.45
C GLU A 91 -4.35 1.22 17.26
N ILE A 92 -5.51 0.60 17.10
CA ILE A 92 -5.72 -0.43 16.08
C ILE A 92 -6.90 -0.13 15.17
N ARG A 93 -6.70 -0.33 13.87
CA ARG A 93 -7.80 -0.23 12.92
C ARG A 93 -8.00 -1.58 12.24
N MET A 94 -9.22 -2.09 12.30
CA MET A 94 -9.54 -3.40 11.74
C MET A 94 -10.72 -3.32 10.79
N ARG A 95 -10.75 -4.22 9.81
CA ARG A 95 -11.89 -4.30 8.91
C ARG A 95 -12.42 -5.72 8.88
N LYS A 96 -13.74 -5.87 8.97
CA LYS A 96 -14.36 -7.20 9.00
C LYS A 96 -14.52 -7.74 7.58
N VAL A 97 -13.96 -8.93 7.34
CA VAL A 97 -14.04 -9.55 6.03
C VAL A 97 -14.64 -10.96 6.11
N ASN A 98 -15.86 -11.08 5.60
CA ASN A 98 -16.56 -12.37 5.51
C ASN A 98 -16.67 -13.12 6.83
N GLY A 99 -16.96 -12.40 7.91
CA GLY A 99 -17.06 -13.02 9.22
C GLY A 99 -15.70 -13.20 9.88
N GLU A 100 -14.67 -12.63 9.26
CA GLU A 100 -13.33 -12.67 9.82
C GLU A 100 -12.79 -11.24 9.92
N PHE A 101 -11.80 -11.02 10.78
CA PHE A 101 -11.28 -9.68 11.00
C PHE A 101 -9.82 -9.53 10.55
N ARG A 102 -9.56 -8.48 9.78
CA ARG A 102 -8.22 -8.17 9.32
C ARG A 102 -7.69 -6.92 10.00
N ILE A 103 -6.43 -6.98 10.45
CA ILE A 103 -5.79 -5.81 11.01
C ILE A 103 -5.34 -4.90 9.89
N GLU A 104 -6.13 -3.87 9.60
CA GLU A 104 -5.80 -2.94 8.53
C GLU A 104 -4.56 -2.15 8.89
N GLU A 105 -4.50 -1.70 10.14
CA GLU A 105 -3.33 -1.01 10.65
C GLU A 105 -3.34 -0.98 12.17
N MET A 106 -2.15 -0.81 12.75
CA MET A 106 -2.04 -0.61 14.19
C MET A 106 -0.74 0.12 14.52
N ARG A 107 -0.83 1.07 15.43
CA ARG A 107 0.34 1.85 15.82
C ARG A 107 0.52 1.81 17.33
N LEU A 108 1.75 1.55 17.77
CA LEU A 108 2.04 1.52 19.19
C LEU A 108 3.03 2.63 19.54
N HIS A 109 2.51 3.72 20.08
CA HIS A 109 3.35 4.81 20.54
C HIS A 109 3.30 4.92 22.06
N GLY A 110 4.40 4.54 22.71
CA GLY A 110 4.48 4.58 24.16
C GLY A 110 5.37 5.70 24.65
C MET B 4 -1.86 22.59 16.91
N SER B 5 -2.32 23.61 17.62
CA SER B 5 -3.39 24.47 17.12
C SER B 5 -3.04 25.10 15.78
N GLU B 6 -1.89 25.76 15.73
CA GLU B 6 -1.44 26.49 14.55
C GLU B 6 -1.09 25.56 13.39
N GLU B 7 -0.47 24.43 13.71
CA GLU B 7 -0.08 23.46 12.69
C GLU B 7 -1.30 22.80 12.05
N ALA B 8 -2.38 22.72 12.83
CA ALA B 8 -3.60 22.06 12.36
C ALA B 8 -4.39 22.95 11.41
N LYS B 9 -4.44 24.24 11.71
CA LYS B 9 -5.16 25.21 10.89
C LYS B 9 -4.65 25.23 9.46
N ILE B 10 -3.33 25.09 9.31
CA ILE B 10 -2.72 25.04 7.98
C ILE B 10 -3.12 23.75 7.26
N ALA B 11 -3.07 22.64 7.99
CA ALA B 11 -3.38 21.32 7.45
C ALA B 11 -4.80 21.28 6.91
N ILE B 12 -5.74 21.78 7.70
CA ILE B 12 -7.13 21.85 7.28
C ILE B 12 -7.31 22.82 6.12
N GLU B 13 -6.61 23.94 6.18
CA GLU B 13 -6.75 24.98 5.16
C GLU B 13 -6.31 24.48 3.78
N LEU B 14 -5.20 23.75 3.74
CA LEU B 14 -4.66 23.23 2.48
C LEU B 14 -5.63 22.27 1.81
N PHE B 15 -6.26 21.41 2.59
CA PHE B 15 -7.23 20.48 2.03
C PHE B 15 -8.44 21.23 1.50
N LYS B 16 -8.84 22.27 2.24
CA LYS B 16 -9.94 23.13 1.82
C LYS B 16 -9.60 23.84 0.52
N GLU B 17 -8.37 24.30 0.41
CA GLU B 17 -7.90 24.95 -0.82
C GLU B 17 -7.63 23.91 -1.91
N ALA B 18 -7.49 22.65 -1.50
CA ALA B 18 -7.31 21.57 -2.45
C ALA B 18 -8.64 21.13 -3.03
N MET B 19 -9.72 21.40 -2.30
CA MET B 19 -11.04 21.00 -2.74
C MET B 19 -11.54 21.88 -3.89
N LYS B 20 -11.21 23.17 -3.85
CA LYS B 20 -11.61 24.10 -4.90
C LYS B 20 -10.80 23.90 -6.18
N ASP B 21 -9.55 23.48 -6.04
CA ASP B 21 -8.65 23.33 -7.18
C ASP B 21 -8.08 21.91 -7.22
N PRO B 22 -8.53 21.11 -8.19
CA PRO B 22 -8.08 19.71 -8.41
C PRO B 22 -6.58 19.57 -8.57
N GLU B 23 -5.93 20.58 -9.16
CA GLU B 23 -4.49 20.55 -9.36
C GLU B 23 -3.73 20.60 -8.05
N ARG B 24 -4.26 21.36 -7.10
CA ARG B 24 -3.69 21.45 -5.77
C ARG B 24 -3.81 20.08 -5.09
N PHE B 25 -4.87 19.36 -5.42
CA PHE B 25 -5.13 18.05 -4.84
C PHE B 25 -4.13 17.01 -5.33
N LYS B 26 -3.84 17.04 -6.64
CA LYS B 26 -2.93 16.07 -7.25
C LYS B 26 -1.54 16.12 -6.64
N GLU B 27 -1.15 17.32 -6.19
CA GLU B 27 0.18 17.52 -5.61
C GLU B 27 0.32 16.89 -4.23
N MET B 28 -0.81 16.54 -3.62
CA MET B 28 -0.79 16.01 -2.26
C MET B 28 -0.73 14.50 -2.20
N CYS B 29 -1.53 13.83 -3.03
CA CYS B 29 -1.58 12.37 -2.99
C CYS B 29 -0.23 11.74 -3.32
N SER B 30 0.05 10.61 -2.69
CA SER B 30 1.34 9.94 -2.74
C SER B 30 1.16 8.50 -3.23
N PRO B 31 2.26 7.74 -3.39
CA PRO B 31 2.09 6.33 -3.77
C PRO B 31 1.33 5.51 -2.73
N ASP B 32 1.49 5.87 -1.46
CA ASP B 32 0.87 5.13 -0.38
C ASP B 32 -0.58 5.54 -0.17
N THR B 33 -1.06 6.47 -1.00
CA THR B 33 -2.41 7.01 -0.85
C THR B 33 -3.48 5.98 -1.19
N ARG B 34 -4.45 5.86 -0.30
CA ARG B 34 -5.59 4.96 -0.50
C ARG B 34 -6.90 5.73 -0.41
N ILE B 35 -7.72 5.63 -1.45
CA ILE B 35 -8.98 6.35 -1.52
C ILE B 35 -10.17 5.41 -1.74
N GLU B 36 -11.18 5.54 -0.89
CA GLU B 36 -12.39 4.73 -1.01
C GLU B 36 -13.64 5.60 -1.12
N SER B 37 -14.49 5.31 -2.10
CA SER B 37 -15.72 6.05 -2.31
C SER B 37 -16.87 5.16 -2.76
N ASN B 38 -17.78 4.87 -1.84
CA ASN B 38 -18.94 4.01 -2.10
C ASN B 38 -18.56 2.64 -2.65
N GLY B 39 -17.52 2.04 -2.08
CA GLY B 39 -17.05 0.74 -2.53
C GLY B 39 -16.06 0.79 -3.67
N GLN B 40 -15.75 2.01 -4.13
CA GLN B 40 -14.77 2.20 -5.21
C GLN B 40 -13.43 2.63 -4.64
N GLU B 41 -12.37 1.90 -5.01
CA GLU B 41 -11.05 2.11 -4.43
C GLU B 41 -10.01 2.64 -5.42
N TYR B 42 -9.42 3.79 -5.08
CA TYR B 42 -8.32 4.36 -5.86
C TYR B 42 -7.03 4.26 -5.06
N ARG B 43 -6.03 3.58 -5.65
CA ARG B 43 -4.79 3.34 -4.94
C ARG B 43 -3.55 3.64 -5.79
N GLY B 44 -2.62 4.37 -5.20
CA GLY B 44 -1.40 4.77 -5.88
C GLY B 44 -1.45 6.20 -6.38
N SER B 45 -0.31 6.69 -6.87
CA SER B 45 -0.22 8.06 -7.37
C SER B 45 -1.11 8.27 -8.59
N GLU B 46 -1.07 7.32 -9.50
CA GLU B 46 -1.78 7.44 -10.77
C GLU B 46 -3.29 7.41 -10.61
N GLU B 47 -3.77 6.59 -9.69
CA GLU B 47 -5.20 6.46 -9.46
C GLU B 47 -5.73 7.63 -8.65
N CYS B 48 -4.88 8.16 -7.77
CA CYS B 48 -5.22 9.33 -6.97
C CYS B 48 -5.47 10.55 -7.84
N LYS B 49 -4.69 10.67 -8.91
CA LYS B 49 -4.83 11.78 -9.85
C LYS B 49 -6.13 11.64 -10.64
N LYS B 50 -6.46 10.41 -11.03
CA LYS B 50 -7.69 10.14 -11.76
C LYS B 50 -8.91 10.48 -10.92
N PHE B 51 -8.78 10.29 -9.60
CA PHE B 51 -9.85 10.62 -8.67
C PHE B 51 -10.13 12.11 -8.65
N ALA B 52 -9.05 12.90 -8.61
CA ALA B 52 -9.16 14.35 -8.62
C ALA B 52 -9.87 14.83 -9.88
N GLU B 53 -9.54 14.22 -11.02
CA GLU B 53 -10.19 14.55 -12.28
C GLU B 53 -11.67 14.21 -12.22
N GLU B 54 -11.99 13.09 -11.57
CA GLU B 54 -13.38 12.70 -11.38
C GLU B 54 -14.03 13.53 -10.29
N MET B 55 -13.23 13.93 -9.31
CA MET B 55 -13.72 14.76 -8.22
C MET B 55 -14.06 16.17 -8.71
N LYS B 56 -13.27 16.65 -9.67
CA LYS B 56 -13.39 18.02 -10.17
C LYS B 56 -14.77 18.34 -10.73
N LYS B 57 -15.51 17.31 -11.14
CA LYS B 57 -16.85 17.48 -11.68
C LYS B 57 -17.80 18.07 -10.65
N THR B 58 -17.61 17.68 -9.38
CA THR B 58 -18.44 18.17 -8.30
C THR B 58 -17.97 19.56 -7.86
N HIS B 59 -18.91 20.35 -7.35
CA HIS B 59 -18.62 21.75 -7.03
C HIS B 59 -18.63 22.05 -5.53
N PRO B 60 -17.51 22.57 -5.02
CA PRO B 60 -17.34 22.96 -3.61
C PRO B 60 -18.31 24.09 -3.23
N TRP B 61 -18.56 24.31 -1.93
CA TRP B 61 -17.96 23.53 -0.85
C TRP B 61 -19.02 23.06 0.16
N GLU B 62 -19.51 24.00 0.95
CA GLU B 62 -20.46 23.68 2.01
C GLU B 62 -19.80 22.74 3.02
N VAL B 63 -18.51 23.00 3.28
CA VAL B 63 -17.70 22.09 4.08
C VAL B 63 -17.59 22.53 5.54
N ARG B 64 -17.91 21.61 6.45
CA ARG B 64 -17.75 21.87 7.88
C ARG B 64 -16.96 20.74 8.52
N VAL B 65 -15.84 21.10 9.15
CA VAL B 65 -14.98 20.13 9.83
C VAL B 65 -15.57 19.71 11.16
N GLU B 66 -16.12 18.50 11.22
CA GLU B 66 -16.74 18.02 12.44
C GLU B 66 -15.71 17.63 13.48
N ARG B 67 -14.66 16.94 13.04
CA ARG B 67 -13.68 16.40 13.97
C ARG B 67 -12.25 16.65 13.50
N TYR B 68 -11.32 16.70 14.44
CA TYR B 68 -9.91 16.85 14.11
C TYR B 68 -9.04 16.18 15.17
N ARG B 69 -8.00 15.48 14.74
CA ARG B 69 -7.04 14.89 15.65
C ARG B 69 -5.63 15.11 15.13
N SER B 70 -4.70 15.42 16.02
CA SER B 70 -3.35 15.75 15.61
C SER B 70 -2.29 14.82 16.17
N ASP B 71 -1.45 14.32 15.27
CA ASP B 71 -0.25 13.61 15.63
C ASP B 71 0.87 14.22 14.81
N GLY B 72 2.08 14.22 15.35
CA GLY B 72 3.22 14.85 14.71
C GLY B 72 3.36 14.51 13.23
N ASP B 73 3.23 13.23 12.90
CA ASP B 73 3.34 12.79 11.52
C ASP B 73 2.02 12.96 10.77
N ARG B 74 0.93 12.44 11.34
CA ARG B 74 -0.32 12.31 10.62
C ARG B 74 -1.48 13.12 11.19
N PHE B 75 -2.41 13.49 10.33
CA PHE B 75 -3.60 14.22 10.73
C PHE B 75 -4.87 13.49 10.30
N GLU B 76 -5.81 13.33 11.22
CA GLU B 76 -7.09 12.72 10.92
C GLU B 76 -8.19 13.77 10.97
N ILE B 77 -8.86 13.99 9.85
CA ILE B 77 -9.87 15.03 9.75
C ILE B 77 -11.21 14.48 9.27
N GLU B 78 -12.24 14.69 10.08
CA GLU B 78 -13.58 14.27 9.72
C GLU B 78 -14.44 15.49 9.44
N LEU B 79 -15.07 15.55 8.28
CA LEU B 79 -15.85 16.73 7.94
C LEU B 79 -17.11 16.44 7.13
N ARG B 80 -18.02 17.41 7.14
CA ARG B 80 -19.28 17.31 6.41
C ARG B 80 -19.26 18.21 5.18
N VAL B 81 -19.55 17.64 4.02
CA VAL B 81 -19.54 18.41 2.79
C VAL B 81 -20.78 18.10 1.94
N ASN B 82 -21.42 19.14 1.43
CA ASN B 82 -22.54 18.98 0.51
C ASN B 82 -22.32 19.72 -0.81
N PHE B 83 -22.43 19.01 -1.93
CA PHE B 83 -22.47 19.66 -3.24
C PHE B 83 -23.74 19.28 -4.00
N ASN B 84 -24.26 20.24 -4.75
CA ASN B 84 -25.44 20.03 -5.61
C ASN B 84 -26.62 19.41 -4.88
N GLY B 85 -26.74 19.68 -3.58
CA GLY B 85 -27.85 19.19 -2.79
C GLY B 85 -27.65 17.80 -2.21
N LYS B 86 -26.42 17.30 -2.24
CA LYS B 86 -26.12 15.97 -1.73
C LYS B 86 -25.10 16.02 -0.60
N THR B 87 -25.50 15.60 0.60
CA THR B 87 -24.63 15.63 1.78
C THR B 87 -24.08 14.26 2.14
N PHE B 88 -22.78 14.20 2.40
CA PHE B 88 -22.13 12.95 2.77
C PHE B 88 -20.95 13.20 3.70
N ARG B 89 -20.48 12.15 4.37
CA ARG B 89 -19.39 12.26 5.33
C ARG B 89 -18.06 11.85 4.71
N MET B 90 -17.02 12.66 4.96
CA MET B 90 -15.69 12.40 4.41
C MET B 90 -14.63 12.38 5.49
N GLU B 91 -13.82 11.32 5.51
CA GLU B 91 -12.73 11.22 6.47
C GLU B 91 -11.39 11.14 5.72
N ILE B 92 -10.45 12.01 6.10
CA ILE B 92 -9.17 12.08 5.41
C ILE B 92 -7.98 11.91 6.35
N ARG B 93 -6.94 11.27 5.85
CA ARG B 93 -5.68 11.16 6.57
C ARG B 93 -4.55 11.78 5.76
N MET B 94 -3.90 12.77 6.35
CA MET B 94 -2.77 13.44 5.71
C MET B 94 -1.53 13.34 6.58
N ARG B 95 -0.39 13.07 5.97
CA ARG B 95 0.87 13.06 6.70
C ARG B 95 1.81 14.14 6.18
N LYS B 96 2.34 14.95 7.09
CA LYS B 96 3.25 16.02 6.73
C LYS B 96 4.66 15.48 6.62
N VAL B 97 5.31 15.74 5.49
CA VAL B 97 6.67 15.26 5.28
C VAL B 97 7.54 16.35 4.66
N ASN B 98 8.56 16.75 5.42
CA ASN B 98 9.55 17.74 4.98
C ASN B 98 8.96 19.06 4.51
N GLY B 99 7.96 19.56 5.23
CA GLY B 99 7.34 20.83 4.91
C GLY B 99 6.20 20.75 3.91
N GLU B 100 5.84 19.53 3.51
CA GLU B 100 4.75 19.31 2.56
C GLU B 100 3.77 18.26 3.10
N PHE B 101 2.50 18.39 2.73
CA PHE B 101 1.49 17.45 3.21
C PHE B 101 1.10 16.44 2.13
N ARG B 102 1.15 15.16 2.48
CA ARG B 102 0.71 14.12 1.57
C ARG B 102 -0.50 13.39 2.11
N ILE B 103 -1.54 13.28 1.28
CA ILE B 103 -2.76 12.59 1.67
C ILE B 103 -2.53 11.10 1.70
N GLU B 104 -2.70 10.52 2.89
CA GLU B 104 -2.41 9.11 3.06
C GLU B 104 -3.64 8.25 2.82
N GLU B 105 -4.79 8.76 3.25
CA GLU B 105 -6.03 8.01 3.10
C GLU B 105 -7.21 8.94 2.89
N MET B 106 -8.22 8.44 2.18
CA MET B 106 -9.46 9.19 2.00
C MET B 106 -10.67 8.27 1.89
N ARG B 107 -11.68 8.55 2.69
CA ARG B 107 -12.92 7.79 2.67
C ARG B 107 -14.10 8.71 2.35
N LEU B 108 -14.94 8.26 1.43
CA LEU B 108 -16.11 9.03 1.01
C LEU B 108 -17.38 8.18 1.11
N HIS B 109 -18.13 8.36 2.19
CA HIS B 109 -19.34 7.58 2.39
C HIS B 109 -20.57 8.48 2.46
N GLY B 110 -21.67 8.02 1.87
CA GLY B 110 -22.92 8.78 1.88
C GLY B 110 -23.99 8.15 1.02
N GLU C 7 33.08 16.52 -13.45
CA GLU C 7 33.17 15.82 -14.73
C GLU C 7 32.25 14.60 -14.76
N ALA C 8 32.22 13.94 -15.91
CA ALA C 8 31.36 12.76 -16.12
C ALA C 8 31.74 11.59 -15.23
N LYS C 9 33.04 11.30 -15.16
CA LYS C 9 33.55 10.13 -14.45
C LYS C 9 33.17 10.12 -12.97
N ILE C 10 33.28 11.29 -12.33
CA ILE C 10 32.99 11.42 -10.91
C ILE C 10 31.51 11.27 -10.62
N ALA C 11 30.68 11.92 -11.42
CA ALA C 11 29.24 11.91 -11.24
C ALA C 11 28.66 10.51 -11.39
N ILE C 12 29.04 9.84 -12.47
CA ILE C 12 28.53 8.52 -12.78
C ILE C 12 29.01 7.48 -11.76
N GLU C 13 30.25 7.60 -11.34
CA GLU C 13 30.80 6.70 -10.32
C GLU C 13 30.04 6.80 -9.01
N LEU C 14 29.58 8.00 -8.66
CA LEU C 14 28.87 8.24 -7.40
C LEU C 14 27.56 7.47 -7.37
N PHE C 15 26.83 7.50 -8.49
CA PHE C 15 25.53 6.84 -8.58
C PHE C 15 25.65 5.35 -8.30
N LYS C 16 26.63 4.70 -8.93
CA LYS C 16 26.88 3.27 -8.71
C LYS C 16 27.14 2.95 -7.25
N GLU C 17 27.94 3.80 -6.58
CA GLU C 17 28.20 3.65 -5.15
C GLU C 17 26.93 3.90 -4.36
N ALA C 18 26.12 4.84 -4.85
CA ALA C 18 24.84 5.14 -4.23
C ALA C 18 23.84 4.01 -4.50
N MET C 19 24.07 3.27 -5.57
CA MET C 19 23.21 2.13 -5.89
C MET C 19 23.56 0.93 -5.02
N LYS C 20 24.84 0.81 -4.65
CA LYS C 20 25.29 -0.27 -3.80
C LYS C 20 24.93 -0.01 -2.33
N ASP C 21 24.92 1.26 -1.94
CA ASP C 21 24.62 1.67 -0.57
C ASP C 21 23.41 2.60 -0.55
N PRO C 22 22.29 2.14 0.05
CA PRO C 22 21.08 2.94 0.13
C PRO C 22 21.29 4.29 0.80
N GLU C 23 22.08 4.32 1.88
CA GLU C 23 22.30 5.56 2.62
C GLU C 23 23.05 6.61 1.80
N ARG C 24 23.96 6.17 0.93
CA ARG C 24 24.65 7.08 0.03
C ARG C 24 23.66 7.64 -0.97
N PHE C 25 22.68 6.82 -1.32
CA PHE C 25 21.61 7.22 -2.23
C PHE C 25 20.62 8.15 -1.55
N LYS C 26 20.31 7.86 -0.28
CA LYS C 26 19.36 8.68 0.47
C LYS C 26 19.91 10.09 0.66
N GLU C 27 21.24 10.20 0.67
CA GLU C 27 21.90 11.49 0.86
C GLU C 27 21.68 12.41 -0.34
N MET C 28 21.49 11.79 -1.51
CA MET C 28 21.35 12.52 -2.77
C MET C 28 20.00 13.22 -2.93
N CYS C 29 18.98 12.69 -2.28
CA CYS C 29 17.60 13.17 -2.44
C CYS C 29 17.43 14.63 -2.02
N SER C 30 16.68 15.37 -2.84
CA SER C 30 16.38 16.77 -2.57
C SER C 30 14.87 16.96 -2.61
N PRO C 31 14.38 18.12 -2.13
CA PRO C 31 12.94 18.40 -2.28
C PRO C 31 12.48 18.39 -3.73
N ASP C 32 13.38 18.74 -4.66
CA ASP C 32 13.03 18.82 -6.06
C ASP C 32 13.08 17.46 -6.74
N THR C 33 13.53 16.44 -6.01
CA THR C 33 13.69 15.10 -6.56
C THR C 33 12.35 14.50 -6.99
N ARG C 34 12.34 13.91 -8.17
CA ARG C 34 11.14 13.27 -8.71
C ARG C 34 11.45 11.90 -9.28
N ILE C 35 10.76 10.88 -8.76
CA ILE C 35 10.97 9.51 -9.21
C ILE C 35 9.66 8.88 -9.69
N GLU C 36 9.69 8.32 -10.90
CA GLU C 36 8.52 7.62 -11.44
C GLU C 36 8.86 6.18 -11.78
N SER C 37 8.04 5.25 -11.32
CA SER C 37 8.22 3.84 -11.59
C SER C 37 6.91 3.19 -12.03
N ASN C 38 6.80 2.89 -13.32
CA ASN C 38 5.60 2.26 -13.88
C ASN C 38 4.33 3.07 -13.63
N GLY C 39 4.45 4.39 -13.64
CA GLY C 39 3.30 5.24 -13.39
C GLY C 39 3.12 5.59 -11.92
N GLN C 40 4.04 5.14 -11.08
CA GLN C 40 4.01 5.43 -9.66
C GLN C 40 5.05 6.49 -9.30
N GLU C 41 4.62 7.56 -8.63
CA GLU C 41 5.49 8.72 -8.44
C GLU C 41 5.98 8.91 -7.00
N TYR C 42 7.27 9.20 -6.86
CA TYR C 42 7.88 9.51 -5.58
C TYR C 42 8.49 10.91 -5.62
N ARG C 43 7.97 11.81 -4.78
CA ARG C 43 8.43 13.20 -4.81
C ARG C 43 8.90 13.67 -3.44
N GLY C 44 10.08 14.28 -3.41
CA GLY C 44 10.62 14.86 -2.19
C GLY C 44 11.79 14.08 -1.63
N SER C 45 12.37 14.60 -0.56
CA SER C 45 13.53 13.99 0.07
C SER C 45 13.20 12.66 0.74
N GLU C 46 12.25 12.68 1.67
CA GLU C 46 11.91 11.49 2.45
C GLU C 46 11.24 10.41 1.62
N GLU C 47 10.40 10.81 0.67
CA GLU C 47 9.73 9.86 -0.20
C GLU C 47 10.74 9.14 -1.08
N CYS C 48 11.76 9.87 -1.50
CA CYS C 48 12.86 9.28 -2.24
C CYS C 48 13.71 8.41 -1.33
N LYS C 49 13.79 8.80 -0.06
CA LYS C 49 14.52 8.03 0.94
C LYS C 49 13.74 6.77 1.29
N LYS C 50 12.41 6.89 1.27
CA LYS C 50 11.53 5.75 1.48
C LYS C 50 11.63 4.78 0.29
N PHE C 51 11.84 5.34 -0.90
CA PHE C 51 11.99 4.53 -2.11
C PHE C 51 13.32 3.77 -2.08
N ALA C 52 14.32 4.35 -1.43
CA ALA C 52 15.63 3.70 -1.32
C ALA C 52 15.55 2.43 -0.50
N GLU C 53 14.59 2.39 0.42
CA GLU C 53 14.40 1.20 1.26
C GLU C 53 13.62 0.11 0.52
N GLU C 54 12.77 0.53 -0.41
CA GLU C 54 12.08 -0.43 -1.27
C GLU C 54 13.06 -1.11 -2.20
N MET C 55 14.12 -0.38 -2.54
CA MET C 55 15.19 -0.92 -3.39
C MET C 55 15.97 -2.02 -2.67
N LYS C 56 15.90 -2.02 -1.35
CA LYS C 56 16.68 -2.94 -0.54
C LYS C 56 16.09 -4.36 -0.50
N LYS C 57 14.79 -4.45 -0.78
CA LYS C 57 14.12 -5.75 -0.87
C LYS C 57 14.84 -6.61 -1.91
N THR C 58 15.13 -6.01 -3.06
CA THR C 58 16.00 -6.63 -4.04
C THR C 58 17.19 -5.70 -4.29
N HIS C 59 18.13 -5.68 -3.35
CA HIS C 59 19.26 -4.77 -3.43
C HIS C 59 20.42 -5.22 -4.33
N PRO C 60 20.69 -6.54 -4.43
CA PRO C 60 21.77 -6.88 -5.37
C PRO C 60 21.41 -6.59 -6.82
N TRP C 61 21.90 -5.48 -7.36
CA TRP C 61 21.65 -5.12 -8.76
C TRP C 61 22.95 -5.01 -9.58
N GLU C 62 22.88 -5.39 -10.85
CA GLU C 62 24.03 -5.34 -11.74
C GLU C 62 23.78 -4.42 -12.93
N VAL C 63 24.43 -3.27 -12.93
CA VAL C 63 24.13 -2.21 -13.90
C VAL C 63 25.29 -1.90 -14.85
N ARG C 64 24.94 -1.50 -16.07
CA ARG C 64 25.91 -1.01 -17.05
C ARG C 64 25.31 0.18 -17.80
N VAL C 65 26.07 1.27 -17.88
CA VAL C 65 25.59 2.51 -18.46
C VAL C 65 25.59 2.49 -19.99
N GLU C 66 24.41 2.54 -20.58
CA GLU C 66 24.27 2.46 -22.03
C GLU C 66 24.40 3.84 -22.70
N ARG C 67 24.14 4.90 -21.96
CA ARG C 67 24.20 6.25 -22.53
C ARG C 67 24.48 7.32 -21.47
N TYR C 68 25.02 8.44 -21.93
CA TYR C 68 25.37 9.54 -21.04
C TYR C 68 25.13 10.89 -21.72
N ARG C 69 24.76 11.88 -20.93
CA ARG C 69 24.60 13.23 -21.43
C ARG C 69 25.21 14.23 -20.46
N SER C 70 25.84 15.28 -21.00
CA SER C 70 26.50 16.26 -20.16
C SER C 70 25.95 17.67 -20.32
N ASP C 71 25.77 18.35 -19.19
CA ASP C 71 25.48 19.77 -19.16
C ASP C 71 26.23 20.31 -17.95
N GLY C 72 26.65 21.57 -18.02
CA GLY C 72 27.40 22.17 -16.93
C GLY C 72 26.66 22.07 -15.62
N ASP C 73 25.36 22.35 -15.64
CA ASP C 73 24.53 22.32 -14.45
C ASP C 73 24.01 20.93 -14.13
N ARG C 74 23.50 20.24 -15.14
CA ARG C 74 22.84 18.96 -14.93
C ARG C 74 23.51 17.82 -15.69
N PHE C 75 23.28 16.60 -15.22
CA PHE C 75 23.82 15.43 -15.87
C PHE C 75 22.72 14.40 -16.11
N GLU C 76 22.58 13.96 -17.35
CA GLU C 76 21.60 12.93 -17.69
C GLU C 76 22.30 11.62 -18.05
N ILE C 77 21.98 10.56 -17.32
CA ILE C 77 22.61 9.27 -17.53
C ILE C 77 21.58 8.18 -17.78
N GLU C 78 21.75 7.42 -18.85
CA GLU C 78 20.88 6.30 -19.16
C GLU C 78 21.59 4.97 -18.98
N LEU C 79 20.97 4.04 -18.27
CA LEU C 79 21.54 2.72 -18.03
C LEU C 79 20.47 1.65 -17.92
N ARG C 80 20.89 0.39 -18.03
CA ARG C 80 19.98 -0.75 -17.84
C ARG C 80 20.59 -1.72 -16.86
N VAL C 81 19.82 -2.12 -15.85
CA VAL C 81 20.32 -3.03 -14.82
C VAL C 81 19.44 -4.27 -14.66
N ASN C 82 20.07 -5.43 -14.72
CA ASN C 82 19.37 -6.69 -14.56
C ASN C 82 19.81 -7.43 -13.29
N PHE C 83 18.84 -7.95 -12.54
CA PHE C 83 19.13 -8.55 -11.25
C PHE C 83 18.17 -9.68 -10.92
N ASN C 84 18.73 -10.77 -10.36
CA ASN C 84 17.95 -11.92 -9.94
C ASN C 84 17.08 -12.47 -11.06
N GLY C 85 17.61 -12.45 -12.28
CA GLY C 85 16.87 -12.95 -13.43
C GLY C 85 15.82 -11.99 -13.90
N LYS C 86 15.83 -10.78 -13.34
CA LYS C 86 14.88 -9.74 -13.73
C LYS C 86 15.64 -8.56 -14.32
N THR C 87 15.20 -8.08 -15.48
CA THR C 87 15.88 -7.00 -16.17
C THR C 87 14.97 -5.80 -16.39
N PHE C 88 15.42 -4.63 -15.97
CA PHE C 88 14.68 -3.39 -16.24
C PHE C 88 15.66 -2.27 -16.61
N ARG C 89 15.14 -1.20 -17.20
CA ARG C 89 15.96 -0.05 -17.57
C ARG C 89 15.62 1.16 -16.70
N MET C 90 16.65 1.88 -16.27
CA MET C 90 16.47 3.06 -15.42
C MET C 90 17.11 4.30 -16.02
N GLU C 91 16.40 5.41 -15.95
CA GLU C 91 16.88 6.69 -16.48
C GLU C 91 17.05 7.68 -15.33
N ILE C 92 18.28 8.15 -15.13
CA ILE C 92 18.59 9.01 -13.99
C ILE C 92 19.23 10.33 -14.40
N ARG C 93 18.65 11.43 -13.93
CA ARG C 93 19.22 12.76 -14.17
C ARG C 93 19.73 13.37 -12.88
N MET C 94 20.97 13.87 -12.92
CA MET C 94 21.58 14.46 -11.73
C MET C 94 22.01 15.90 -11.97
N ARG C 95 21.67 16.78 -11.04
CA ARG C 95 22.13 18.16 -11.10
C ARG C 95 23.08 18.44 -9.94
N LYS C 96 24.28 18.91 -10.27
CA LYS C 96 25.30 19.17 -9.27
C LYS C 96 24.97 20.41 -8.44
N VAL C 97 24.95 20.26 -7.12
CA VAL C 97 24.68 21.37 -6.21
C VAL C 97 25.67 21.42 -5.04
N ASN C 98 26.29 22.59 -4.86
CA ASN C 98 27.21 22.83 -3.75
C ASN C 98 28.38 21.84 -3.70
N GLY C 99 28.94 21.53 -4.87
CA GLY C 99 30.05 20.60 -4.95
C GLY C 99 29.65 19.15 -4.77
N GLU C 100 28.33 18.92 -4.73
CA GLU C 100 27.80 17.57 -4.57
C GLU C 100 26.69 17.34 -5.59
N PHE C 101 26.36 16.08 -5.83
CA PHE C 101 25.36 15.74 -6.83
C PHE C 101 24.03 15.34 -6.19
N ARG C 102 22.97 16.05 -6.56
CA ARG C 102 21.62 15.68 -6.15
C ARG C 102 20.88 15.12 -7.36
N ILE C 103 19.99 14.16 -7.11
CA ILE C 103 19.22 13.55 -8.19
C ILE C 103 17.96 14.34 -8.47
N GLU C 104 17.93 15.01 -9.62
CA GLU C 104 16.77 15.85 -9.97
C GLU C 104 15.59 14.97 -10.36
N GLU C 105 15.85 13.94 -11.16
CA GLU C 105 14.79 13.06 -11.64
C GLU C 105 15.25 11.60 -11.75
N MET C 106 14.29 10.68 -11.72
CA MET C 106 14.55 9.26 -11.92
C MET C 106 13.33 8.56 -12.52
N ARG C 107 13.54 7.73 -13.52
CA ARG C 107 12.46 6.98 -14.15
C ARG C 107 12.77 5.49 -14.23
N LEU C 108 11.80 4.65 -13.87
CA LEU C 108 11.96 3.20 -13.90
C LEU C 108 11.05 2.57 -14.95
N HIS C 109 11.64 1.89 -15.92
CA HIS C 109 10.90 1.25 -17.00
C HIS C 109 10.89 -0.27 -16.87
N GLY C 110 9.69 -0.84 -16.88
CA GLY C 110 9.53 -2.28 -16.78
C GLY C 110 8.22 -2.74 -17.39
N GLU D 7 -10.62 -38.40 -15.98
CA GLU D 7 -11.43 -37.58 -16.86
C GLU D 7 -11.91 -36.30 -16.16
N ALA D 8 -11.20 -35.93 -15.08
CA ALA D 8 -11.53 -34.72 -14.34
C ALA D 8 -10.98 -33.48 -15.02
N LYS D 9 -10.15 -33.69 -16.06
CA LYS D 9 -9.47 -32.62 -16.78
C LYS D 9 -10.37 -31.49 -17.25
N ILE D 10 -11.65 -31.78 -17.43
CA ILE D 10 -12.59 -30.76 -17.89
C ILE D 10 -12.77 -29.65 -16.84
N ALA D 11 -12.49 -29.98 -15.59
CA ALA D 11 -12.63 -29.05 -14.46
C ALA D 11 -11.74 -27.82 -14.64
N ILE D 12 -10.58 -28.02 -15.26
CA ILE D 12 -9.62 -26.94 -15.46
C ILE D 12 -10.19 -25.85 -16.36
N GLU D 13 -11.12 -26.23 -17.23
CA GLU D 13 -11.75 -25.30 -18.16
C GLU D 13 -12.53 -24.21 -17.42
N LEU D 14 -13.10 -24.56 -16.28
CA LEU D 14 -13.90 -23.62 -15.50
C LEU D 14 -13.04 -22.46 -14.98
N PHE D 15 -11.79 -22.75 -14.69
CA PHE D 15 -10.86 -21.72 -14.22
C PHE D 15 -10.48 -20.78 -15.37
N LYS D 16 -10.41 -21.33 -16.58
CA LYS D 16 -10.07 -20.55 -17.76
C LYS D 16 -11.20 -19.60 -18.13
N GLU D 17 -12.43 -20.12 -18.11
CA GLU D 17 -13.61 -19.32 -18.42
C GLU D 17 -13.80 -18.24 -17.35
N ALA D 18 -13.35 -18.55 -16.14
CA ALA D 18 -13.39 -17.60 -15.03
C ALA D 18 -12.36 -16.51 -15.22
N MET D 19 -11.42 -16.74 -16.14
CA MET D 19 -10.35 -15.79 -16.45
C MET D 19 -10.91 -14.40 -16.76
N LYS D 20 -12.01 -14.36 -17.50
CA LYS D 20 -12.66 -13.11 -17.85
C LYS D 20 -14.18 -13.22 -17.74
N ARG D 24 -14.45 -11.92 -12.07
CA ARG D 24 -15.72 -12.56 -12.36
C ARG D 24 -15.77 -13.99 -11.81
N PHE D 25 -14.61 -14.47 -11.38
CA PHE D 25 -14.50 -15.82 -10.83
C PHE D 25 -14.43 -15.80 -9.32
N LYS D 26 -14.81 -14.67 -8.72
CA LYS D 26 -14.80 -14.52 -7.27
C LYS D 26 -15.69 -15.55 -6.58
N GLU D 27 -16.65 -16.08 -7.32
CA GLU D 27 -17.57 -17.10 -6.81
C GLU D 27 -16.80 -18.37 -6.44
N MET D 28 -15.70 -18.61 -7.12
CA MET D 28 -14.88 -19.79 -6.86
C MET D 28 -14.15 -19.76 -5.53
N CYS D 29 -13.96 -18.56 -4.97
CA CYS D 29 -13.15 -18.41 -3.77
C CYS D 29 -13.89 -18.81 -2.51
N SER D 30 -13.15 -19.29 -1.51
CA SER D 30 -13.70 -19.81 -0.25
C SER D 30 -13.15 -18.99 0.93
N PRO D 31 -13.74 -19.17 2.14
CA PRO D 31 -13.19 -18.46 3.30
C PRO D 31 -11.76 -18.88 3.65
N ASP D 32 -11.39 -20.13 3.36
CA ASP D 32 -10.05 -20.62 3.70
C ASP D 32 -9.10 -20.56 2.50
N THR D 33 -9.54 -19.91 1.42
CA THR D 33 -8.73 -19.77 0.21
C THR D 33 -7.46 -18.99 0.48
N ARG D 34 -6.32 -19.56 0.13
CA ARG D 34 -5.03 -18.91 0.36
C ARG D 34 -4.26 -18.66 -0.93
N ILE D 35 -3.84 -17.41 -1.11
CA ILE D 35 -3.08 -17.01 -2.29
C ILE D 35 -1.75 -16.40 -1.87
N GLU D 36 -0.67 -16.81 -2.51
CA GLU D 36 0.64 -16.23 -2.23
C GLU D 36 1.23 -15.64 -3.50
N SER D 37 1.63 -14.38 -3.44
CA SER D 37 2.25 -13.71 -4.58
C SER D 37 3.50 -12.96 -4.14
N ASN D 38 4.64 -13.38 -4.67
CA ASN D 38 5.95 -12.82 -4.31
C ASN D 38 6.21 -12.84 -2.81
N GLY D 39 5.68 -13.85 -2.12
CA GLY D 39 5.84 -13.95 -0.68
C GLY D 39 4.76 -13.20 0.07
N GLN D 40 3.93 -12.47 -0.67
CA GLN D 40 2.81 -11.73 -0.09
C GLN D 40 1.53 -12.55 -0.21
N GLU D 41 0.87 -12.77 0.91
CA GLU D 41 -0.26 -13.70 0.96
C GLU D 41 -1.62 -13.02 1.02
N TYR D 42 -2.52 -13.46 0.14
CA TYR D 42 -3.92 -13.02 0.18
C TYR D 42 -4.78 -14.18 0.68
N ARG D 43 -5.68 -13.90 1.61
CA ARG D 43 -6.52 -14.96 2.17
C ARG D 43 -7.98 -14.56 2.26
N GLY D 44 -8.86 -15.55 2.08
CA GLY D 44 -10.30 -15.34 2.18
C GLY D 44 -10.98 -15.03 0.86
N SER D 45 -12.31 -15.01 0.89
CA SER D 45 -13.10 -14.78 -0.31
C SER D 45 -12.89 -13.39 -0.90
N GLU D 46 -13.04 -12.38 -0.06
CA GLU D 46 -12.99 -11.00 -0.52
C GLU D 46 -11.59 -10.63 -1.04
N GLU D 47 -10.56 -11.12 -0.36
CA GLU D 47 -9.20 -10.86 -0.80
C GLU D 47 -8.89 -11.61 -2.09
N CYS D 48 -9.52 -12.77 -2.26
CA CYS D 48 -9.41 -13.54 -3.50
C CYS D 48 -10.23 -12.87 -4.59
N LYS D 49 -11.28 -12.17 -4.18
CA LYS D 49 -12.11 -11.40 -5.10
C LYS D 49 -11.39 -10.14 -5.57
N LYS D 50 -10.47 -9.66 -4.74
CA LYS D 50 -9.69 -8.47 -5.04
C LYS D 50 -8.80 -8.68 -6.26
N PHE D 51 -8.29 -9.90 -6.41
CA PHE D 51 -7.47 -10.26 -7.55
C PHE D 51 -8.26 -10.13 -8.85
N ALA D 52 -9.51 -10.59 -8.82
CA ALA D 52 -10.36 -10.59 -10.01
C ALA D 52 -10.60 -9.18 -10.53
N GLU D 53 -10.57 -8.20 -9.62
CA GLU D 53 -10.75 -6.80 -10.00
C GLU D 53 -9.49 -6.22 -10.61
N GLU D 54 -8.34 -6.75 -10.21
CA GLU D 54 -7.06 -6.25 -10.70
C GLU D 54 -6.83 -6.56 -12.19
N MET D 55 -7.22 -7.75 -12.62
CA MET D 55 -7.11 -8.12 -14.03
C MET D 55 -8.48 -7.97 -14.70
N LYS D 56 -8.62 -7.28 -15.84
CA LYS D 56 -7.57 -6.71 -16.70
C LYS D 56 -6.55 -7.76 -17.14
N LYS D 57 -7.05 -8.83 -17.74
CA LYS D 57 -6.22 -9.92 -18.24
C LYS D 57 -5.40 -9.49 -19.45
N THR D 58 -4.16 -9.95 -19.54
CA THR D 58 -3.29 -9.58 -20.65
C THR D 58 -3.29 -10.67 -21.72
N VAL D 65 -1.98 -25.10 -19.71
CA VAL D 65 -2.10 -26.31 -18.88
C VAL D 65 -0.81 -27.12 -18.92
N GLU D 66 0.16 -26.72 -18.10
CA GLU D 66 1.46 -27.38 -18.10
C GLU D 66 1.44 -28.70 -17.34
N ARG D 67 0.66 -28.76 -16.26
CA ARG D 67 0.59 -29.96 -15.43
C ARG D 67 -0.74 -30.15 -14.73
N TYR D 68 -0.92 -31.32 -14.11
CA TYR D 68 -2.14 -31.63 -13.38
C TYR D 68 -1.88 -32.67 -12.30
N ARG D 69 -2.72 -32.67 -11.27
CA ARG D 69 -2.64 -33.67 -10.22
C ARG D 69 -4.05 -34.07 -9.79
N SER D 70 -4.24 -35.37 -9.54
CA SER D 70 -5.57 -35.88 -9.23
C SER D 70 -5.71 -36.38 -7.79
N ASP D 71 -6.87 -36.09 -7.21
CA ASP D 71 -7.25 -36.56 -5.86
C ASP D 71 -8.70 -36.21 -5.58
N ARG D 74 -8.43 -31.25 -4.04
CA ARG D 74 -8.47 -32.52 -4.74
C ARG D 74 -7.69 -32.46 -6.06
N PHE D 75 -7.88 -31.40 -6.83
CA PHE D 75 -7.17 -31.24 -8.08
C PHE D 75 -6.21 -30.07 -8.05
N GLU D 76 -4.96 -30.31 -8.42
CA GLU D 76 -3.95 -29.28 -8.48
C GLU D 76 -3.51 -29.09 -9.93
N ILE D 77 -3.74 -27.89 -10.46
CA ILE D 77 -3.42 -27.61 -11.85
C ILE D 77 -2.43 -26.46 -11.98
N GLU D 78 -1.37 -26.69 -12.75
CA GLU D 78 -0.35 -25.68 -13.01
C GLU D 78 -0.35 -25.27 -14.48
N LEU D 79 -0.44 -23.96 -14.73
CA LEU D 79 -0.49 -23.45 -16.09
C LEU D 79 0.54 -22.34 -16.31
N ARG D 80 0.78 -21.99 -17.57
CA ARG D 80 1.73 -20.93 -17.92
C ARG D 80 1.07 -19.82 -18.74
N VAL D 81 1.06 -18.61 -18.20
CA VAL D 81 0.51 -17.45 -18.89
C VAL D 81 1.62 -16.50 -19.31
N ASN D 82 1.64 -16.18 -20.61
CA ASN D 82 2.69 -15.32 -21.16
C ASN D 82 2.18 -13.98 -21.64
N PHE D 83 2.82 -12.91 -21.18
CA PHE D 83 2.47 -11.55 -21.59
C PHE D 83 3.68 -10.63 -21.54
N ASN D 84 3.54 -9.45 -22.13
CA ASN D 84 4.60 -8.45 -22.13
C ASN D 84 4.87 -7.91 -20.72
N PHE D 88 5.16 -17.13 -15.67
CA PHE D 88 5.15 -16.49 -14.36
C PHE D 88 3.88 -16.86 -13.61
N ARG D 89 2.84 -17.17 -14.38
CA ARG D 89 1.52 -17.51 -13.86
C ARG D 89 1.02 -18.80 -14.51
N MET D 90 0.61 -19.80 -13.73
CA MET D 90 0.55 -19.77 -12.27
C MET D 90 -0.02 -21.10 -11.77
N GLU D 91 0.09 -21.36 -10.47
CA GLU D 91 -0.36 -22.63 -9.90
C GLU D 91 -1.73 -22.51 -9.24
N ILE D 92 -2.59 -23.49 -9.47
CA ILE D 92 -3.94 -23.49 -8.90
C ILE D 92 -4.32 -24.84 -8.32
N ARG D 93 -4.90 -24.82 -7.12
CA ARG D 93 -5.37 -26.04 -6.48
C ARG D 93 -6.84 -25.91 -6.09
N MET D 94 -7.66 -26.83 -6.59
CA MET D 94 -9.11 -26.75 -6.40
C MET D 94 -9.68 -28.00 -5.74
N ARG D 95 -10.69 -27.80 -4.89
CA ARG D 95 -11.44 -28.90 -4.31
C ARG D 95 -12.91 -28.50 -4.22
N LYS D 96 -13.79 -29.28 -4.82
CA LYS D 96 -15.19 -28.89 -4.94
C LYS D 96 -16.06 -29.50 -3.85
N VAL D 97 -16.70 -28.63 -3.06
CA VAL D 97 -17.70 -29.05 -2.09
C VAL D 97 -19.07 -29.09 -2.78
N ASN D 98 -19.17 -28.38 -3.90
CA ASN D 98 -20.38 -28.39 -4.71
C ASN D 98 -20.07 -28.68 -6.18
N GLY D 99 -21.00 -28.36 -7.06
CA GLY D 99 -20.85 -28.58 -8.49
C GLY D 99 -19.66 -27.83 -9.05
N GLU D 100 -19.56 -26.54 -8.71
CA GLU D 100 -18.42 -25.73 -9.09
C GLU D 100 -17.23 -26.02 -8.18
N PHE D 101 -16.03 -25.72 -8.68
CA PHE D 101 -14.81 -26.00 -7.92
C PHE D 101 -14.36 -24.81 -7.09
N ARG D 102 -14.08 -25.07 -5.81
CA ARG D 102 -13.60 -24.04 -4.90
C ARG D 102 -12.08 -24.08 -4.74
N ILE D 103 -11.44 -22.95 -5.03
CA ILE D 103 -9.99 -22.86 -4.94
C ILE D 103 -9.54 -22.85 -3.48
N GLU D 104 -8.89 -23.92 -3.05
CA GLU D 104 -8.36 -23.98 -1.70
C GLU D 104 -7.13 -23.08 -1.58
N GLU D 105 -6.30 -23.11 -2.62
CA GLU D 105 -5.07 -22.34 -2.62
C GLU D 105 -4.54 -22.17 -4.03
N MET D 106 -3.91 -21.03 -4.29
CA MET D 106 -3.24 -20.80 -5.55
C MET D 106 -2.01 -19.92 -5.34
N ARG D 107 -1.02 -20.10 -6.20
CA ARG D 107 0.22 -19.35 -6.08
C ARG D 107 0.52 -18.58 -7.35
N LEU D 108 1.06 -17.37 -7.19
CA LEU D 108 1.34 -16.50 -8.31
C LEU D 108 2.73 -15.90 -8.17
N HIS D 109 3.71 -16.76 -7.91
CA HIS D 109 5.09 -16.31 -7.76
C HIS D 109 5.97 -16.88 -8.86
#